data_3R0W
#
_entry.id   3R0W
#
_cell.length_a   45.727
_cell.length_b   45.727
_cell.length_c   102.149
_cell.angle_alpha   90.00
_cell.angle_beta   90.00
_cell.angle_gamma   90.00
#
_symmetry.space_group_name_H-M   'P 41'
#
loop_
_entity.id
_entity.type
_entity.pdbx_description
1 polymer 'Multidrug-resistant clinical isolate 769 HIV-1 Protease'
2 non-polymer N-[(2R)-1-{[(2S,3S)-5-{[(2R)-1-{[(2S)-1-amino-4-methyl-1-oxopentan-2-yl]amino}-3-chloro-1-oxopropan-2-yl]amino}-3-hydroxy-5-oxo-1-phenylpentan-2-yl]amino}-3-methyl-1-oxobutan-2-yl]pyridine-2-carboxamide
3 water water
#
_entity_poly.entity_id   1
_entity_poly.type   'polypeptide(L)'
_entity_poly.pdbx_seq_one_letter_code
;PQITLWQRPIVTIKIGGQLKEALLNTGADDTVLEEVNLPGRWKPKLIGGIGGFVKVRQYDQVPIEICGHKVIGTVLVGPT
PTNVIGRNLMTQIGCTLNF
;
_entity_poly.pdbx_strand_id   A,B
#
loop_
_chem_comp.id
_chem_comp.type
_chem_comp.name
_chem_comp.formula
RSY peptide-like N-[(2R)-1-{[(2S,3S)-5-{[(2R)-1-{[(2S)-1-amino-4-methyl-1-oxopentan-2-yl]amino}-3-chloro-1-oxopropan-2-yl]amino}-3-hydroxy-5-oxo-1-phenylpentan-2-yl]amino}-3-methyl-1-oxobutan-2-yl]pyridine-2-carboxamide 'C31 H43 Cl N6 O6'
#
# COMPACT_ATOMS: atom_id res chain seq x y z
N PRO A 1 -12.14 -9.16 -10.62
CA PRO A 1 -10.94 -9.31 -11.43
C PRO A 1 -9.78 -9.92 -10.65
N GLN A 2 -8.78 -10.42 -11.38
CA GLN A 2 -7.48 -10.74 -10.79
C GLN A 2 -6.52 -9.71 -11.35
N ILE A 3 -5.87 -8.97 -10.44
CA ILE A 3 -5.04 -7.82 -10.79
C ILE A 3 -3.61 -8.17 -10.44
N THR A 4 -2.75 -8.23 -11.47
CA THR A 4 -1.35 -8.46 -11.22
C THR A 4 -0.68 -7.14 -10.88
N LEU A 5 0.51 -7.20 -10.32
CA LEU A 5 1.04 -6.01 -9.72
C LEU A 5 2.27 -5.44 -10.46
N TRP A 6 2.40 -5.77 -11.74
CA TRP A 6 3.46 -5.17 -12.55
C TRP A 6 3.32 -3.66 -12.70
N GLN A 7 2.06 -3.17 -12.74
CA GLN A 7 1.76 -1.76 -12.74
C GLN A 7 1.03 -1.41 -11.45
N ARG A 8 0.85 -0.11 -11.19
CA ARG A 8 0.08 0.33 -10.03
C ARG A 8 -1.37 -0.09 -10.21
N PRO A 9 -1.98 -0.68 -9.15
CA PRO A 9 -3.36 -1.17 -9.20
C PRO A 9 -4.36 -0.02 -9.07
N ILE A 10 -4.47 0.75 -10.15
CA ILE A 10 -5.39 1.89 -10.24
C ILE A 10 -6.72 1.38 -10.82
N VAL A 11 -7.82 1.70 -10.12
CA VAL A 11 -9.16 1.31 -10.53
C VAL A 11 -10.09 2.53 -10.61
N THR A 12 -11.17 2.34 -11.35
CA THR A 12 -12.23 3.35 -11.43
C THR A 12 -13.22 3.17 -10.28
N ILE A 13 -13.62 4.30 -9.70
CA ILE A 13 -14.58 4.31 -8.60
C ILE A 13 -15.67 5.32 -8.95
N LYS A 14 -16.83 5.15 -8.34
CA LYS A 14 -17.86 6.18 -8.41
C LYS A 14 -18.18 6.61 -7.00
N ILE A 15 -18.05 7.89 -6.74
CA ILE A 15 -18.32 8.41 -5.41
C ILE A 15 -18.92 9.81 -5.50
N GLY A 16 -19.94 10.07 -4.68
CA GLY A 16 -20.61 11.37 -4.62
C GLY A 16 -21.09 11.84 -5.98
N GLY A 17 -21.51 10.91 -6.82
CA GLY A 17 -21.93 11.24 -8.20
C GLY A 17 -20.82 11.54 -9.18
N GLN A 18 -19.56 11.25 -8.82
CA GLN A 18 -18.43 11.51 -9.72
C GLN A 18 -17.70 10.21 -10.07
N LEU A 19 -17.06 10.17 -11.22
CA LEU A 19 -16.15 9.08 -11.58
C LEU A 19 -14.75 9.54 -11.25
N LYS A 20 -13.98 8.70 -10.57
CA LYS A 20 -12.63 9.06 -10.17
C LYS A 20 -11.78 7.82 -10.37
N GLU A 21 -10.46 7.97 -10.24
CA GLU A 21 -9.53 6.84 -10.25
C GLU A 21 -8.90 6.79 -8.88
N ALA A 22 -8.59 5.59 -8.40
CA ALA A 22 -7.93 5.45 -7.11
C ALA A 22 -7.03 4.23 -7.09
N LEU A 23 -6.04 4.28 -6.20
CA LEU A 23 -5.03 3.22 -6.04
C LEU A 23 -5.48 2.23 -4.95
N LEU A 24 -5.58 0.95 -5.31
CA LEU A 24 -5.82 -0.13 -4.33
C LEU A 24 -4.56 -0.33 -3.50
N ASN A 25 -4.61 0.07 -2.23
CA ASN A 25 -3.39 0.19 -1.43
C ASN A 25 -3.48 -0.60 -0.14
N THR A 26 -2.90 -1.79 -0.15
CA THR A 26 -2.98 -2.66 1.01
C THR A 26 -2.10 -2.16 2.17
N GLY A 27 -1.25 -1.18 1.89
CA GLY A 27 -0.47 -0.52 2.96
C GLY A 27 -1.22 0.56 3.70
N ALA A 28 -2.41 0.92 3.21
CA ALA A 28 -3.20 2.01 3.81
C ALA A 28 -4.34 1.43 4.63
N ASP A 29 -4.48 1.86 5.88
CA ASP A 29 -5.56 1.35 6.73
C ASP A 29 -6.87 1.92 6.23
N ASP A 30 -6.83 3.19 5.82
CA ASP A 30 -8.02 3.98 5.53
C ASP A 30 -8.06 4.44 4.07
N THR A 31 -9.24 4.79 3.60
CA THR A 31 -9.46 5.30 2.25
C THR A 31 -9.42 6.82 2.30
N VAL A 32 -8.61 7.43 1.43
CA VAL A 32 -8.44 8.89 1.43
C VAL A 32 -8.59 9.38 0.00
N LEU A 33 -9.55 10.29 -0.21
CA LEU A 33 -9.82 10.79 -1.53
C LEU A 33 -9.72 12.31 -1.53
N GLU A 34 -9.27 12.88 -2.65
CA GLU A 34 -9.18 14.32 -2.81
C GLU A 34 -10.39 14.86 -3.58
N GLU A 35 -10.84 16.04 -3.18
CA GLU A 35 -11.86 16.81 -3.93
C GLU A 35 -13.16 16.06 -4.25
N VAL A 36 -13.85 15.66 -3.20
CA VAL A 36 -15.19 15.17 -3.37
C VAL A 36 -16.14 15.83 -2.41
N ASN A 37 -17.27 16.26 -2.96
CA ASN A 37 -18.30 16.87 -2.17
C ASN A 37 -19.23 15.73 -1.82
N LEU A 38 -19.19 15.35 -0.55
CA LEU A 38 -20.09 14.33 -0.04
C LEU A 38 -21.14 15.01 0.81
N PRO A 39 -22.39 14.52 0.71
CA PRO A 39 -23.50 15.05 1.52
C PRO A 39 -23.51 14.42 2.91
N GLY A 40 -24.27 14.97 3.84
CA GLY A 40 -24.30 14.30 5.16
C GLY A 40 -23.17 14.65 6.12
N ARG A 41 -23.15 13.98 7.27
CA ARG A 41 -22.36 14.42 8.41
C ARG A 41 -20.91 13.98 8.27
N TRP A 42 -20.01 14.80 8.82
CA TRP A 42 -18.59 14.45 8.91
C TRP A 42 -18.01 14.98 10.23
N LYS A 43 -16.81 14.50 10.55
CA LYS A 43 -16.06 15.02 11.70
C LYS A 43 -14.60 15.09 11.27
N PRO A 44 -13.84 16.08 11.82
CA PRO A 44 -12.41 16.15 11.50
C PRO A 44 -11.63 14.98 12.08
N LYS A 45 -10.58 14.58 11.36
CA LYS A 45 -9.72 13.47 11.78
C LYS A 45 -8.28 13.81 11.43
N LEU A 46 -7.37 13.57 12.37
CA LEU A 46 -5.95 13.73 12.10
C LEU A 46 -5.34 12.42 11.65
N ILE A 47 -4.68 12.45 10.50
CA ILE A 47 -4.02 11.26 9.95
C ILE A 47 -2.55 11.53 9.65
N GLY A 48 -1.84 10.50 9.18
CA GLY A 48 -0.41 10.61 8.93
C GLY A 48 0.24 10.64 10.29
N GLY A 49 1.10 11.64 10.51
CA GLY A 49 1.92 11.68 11.72
C GLY A 49 3.39 11.91 11.46
N ILE A 50 3.83 11.68 10.23
CA ILE A 50 5.19 12.06 9.84
C ILE A 50 5.20 13.52 9.40
N GLY A 51 6.01 14.36 10.09
CA GLY A 51 6.25 15.81 9.80
C GLY A 51 5.23 16.77 10.45
N GLY A 52 4.25 16.14 11.07
CA GLY A 52 3.05 16.79 11.56
C GLY A 52 1.92 15.81 11.24
N PHE A 53 0.69 16.28 11.38
CA PHE A 53 -0.47 15.52 10.97
C PHE A 53 -1.19 16.26 9.85
N VAL A 54 -2.01 15.54 9.10
CA VAL A 54 -2.88 16.13 8.09
C VAL A 54 -4.30 15.99 8.61
N LYS A 55 -5.10 17.05 8.48
CA LYS A 55 -6.49 17.01 8.93
C LYS A 55 -7.38 16.72 7.70
N VAL A 56 -8.27 15.74 7.87
CA VAL A 56 -9.19 15.36 6.79
C VAL A 56 -10.60 15.36 7.38
N ARG A 57 -11.59 15.22 6.51
CA ARG A 57 -12.97 15.07 6.96
C ARG A 57 -13.36 13.60 6.90
N GLN A 58 -13.82 13.07 8.02
CA GLN A 58 -14.25 11.67 8.08
C GLN A 58 -15.77 11.56 7.85
N TYR A 59 -16.15 10.87 6.77
CA TYR A 59 -17.54 10.59 6.47
C TYR A 59 -17.72 9.10 6.66
N ASP A 60 -18.60 8.75 7.58
CA ASP A 60 -18.91 7.34 7.78
C ASP A 60 -20.03 6.86 6.86
N GLN A 61 -20.01 5.55 6.61
CA GLN A 61 -21.05 4.85 5.85
C GLN A 61 -21.38 5.53 4.51
N VAL A 62 -20.35 5.76 3.70
CA VAL A 62 -20.50 6.35 2.40
C VAL A 62 -20.70 5.28 1.32
N PRO A 63 -21.75 5.41 0.50
CA PRO A 63 -21.85 4.48 -0.63
C PRO A 63 -20.79 4.79 -1.65
N ILE A 64 -20.09 3.76 -2.11
CA ILE A 64 -19.06 3.95 -3.10
C ILE A 64 -19.03 2.71 -3.96
N GLU A 65 -18.80 2.89 -5.26
CA GLU A 65 -18.68 1.77 -6.18
C GLU A 65 -17.22 1.68 -6.58
N ILE A 66 -16.66 0.47 -6.44
CA ILE A 66 -15.24 0.28 -6.71
C ILE A 66 -15.12 -0.85 -7.72
N CYS A 67 -14.65 -0.49 -8.90
CA CYS A 67 -14.53 -1.45 -9.96
C CYS A 67 -15.84 -2.24 -10.09
N GLY A 68 -16.98 -1.53 -10.08
CA GLY A 68 -18.30 -2.13 -10.27
C GLY A 68 -18.98 -2.80 -9.07
N HIS A 69 -18.28 -2.82 -7.94
CA HIS A 69 -18.78 -3.43 -6.70
C HIS A 69 -19.33 -2.32 -5.82
N LYS A 70 -20.64 -2.33 -5.58
CA LYS A 70 -21.27 -1.28 -4.77
C LYS A 70 -21.16 -1.65 -3.30
N VAL A 71 -20.43 -0.84 -2.54
CA VAL A 71 -20.24 -1.09 -1.12
C VAL A 71 -20.48 0.17 -0.27
N ILE A 72 -20.26 0.01 1.02
CA ILE A 72 -20.39 1.11 1.99
C ILE A 72 -19.14 1.12 2.89
N GLY A 73 -18.63 2.32 3.16
CA GLY A 73 -17.51 2.41 4.07
C GLY A 73 -17.13 3.84 4.41
N THR A 74 -16.23 3.97 5.35
CA THR A 74 -15.75 5.28 5.78
C THR A 74 -14.81 5.81 4.69
N VAL A 75 -15.00 7.09 4.34
CA VAL A 75 -14.10 7.74 3.36
C VAL A 75 -13.59 9.01 4.02
N LEU A 76 -12.26 9.20 3.99
CA LEU A 76 -11.63 10.41 4.51
C LEU A 76 -11.41 11.29 3.29
N VAL A 77 -11.81 12.56 3.40
CA VAL A 77 -11.71 13.46 2.25
C VAL A 77 -10.77 14.59 2.60
N GLY A 78 -9.74 14.77 1.79
CA GLY A 78 -8.87 15.93 1.93
C GLY A 78 -7.64 15.76 1.07
N PRO A 79 -6.57 16.50 1.39
CA PRO A 79 -5.43 16.61 0.51
C PRO A 79 -4.59 15.34 0.55
N THR A 80 -4.51 14.70 -0.60
CA THR A 80 -3.71 13.50 -0.75
C THR A 80 -3.08 13.52 -2.16
N PRO A 81 -1.80 13.13 -2.28
CA PRO A 81 -1.10 13.07 -3.56
C PRO A 81 -1.72 12.10 -4.55
N THR A 82 -2.47 11.12 -4.04
CA THR A 82 -3.11 10.11 -4.89
C THR A 82 -4.38 9.68 -4.17
N ASN A 83 -5.50 9.51 -4.90
CA ASN A 83 -6.71 8.86 -4.33
C ASN A 83 -6.36 7.44 -3.97
N VAL A 84 -6.66 7.04 -2.73
CA VAL A 84 -6.23 5.74 -2.23
C VAL A 84 -7.43 4.97 -1.65
N ILE A 85 -7.64 3.74 -2.14
CA ILE A 85 -8.61 2.82 -1.51
C ILE A 85 -7.80 2.01 -0.51
N GLY A 86 -8.15 2.15 0.77
CA GLY A 86 -7.44 1.43 1.84
C GLY A 86 -8.08 0.10 2.20
N ARG A 87 -7.47 -0.60 3.16
CA ARG A 87 -7.99 -1.90 3.58
C ARG A 87 -9.47 -1.83 3.98
N ASN A 88 -9.89 -0.73 4.59
CA ASN A 88 -11.27 -0.64 5.06
C ASN A 88 -12.30 -0.89 3.97
N LEU A 89 -12.05 -0.43 2.75
CA LEU A 89 -12.97 -0.67 1.63
C LEU A 89 -12.58 -1.91 0.80
N MET A 90 -11.31 -2.29 0.80
CA MET A 90 -10.96 -3.55 0.15
C MET A 90 -11.64 -4.74 0.84
N THR A 91 -11.78 -4.69 2.16
CA THR A 91 -12.51 -5.79 2.83
C THR A 91 -13.96 -5.85 2.35
N GLN A 92 -14.56 -4.67 2.16
CA GLN A 92 -15.97 -4.62 1.76
C GLN A 92 -16.19 -5.23 0.39
N ILE A 93 -15.28 -5.00 -0.55
CA ILE A 93 -15.42 -5.57 -1.89
C ILE A 93 -14.96 -7.04 -2.00
N GLY A 94 -14.40 -7.57 -0.91
CA GLY A 94 -13.95 -8.96 -0.82
C GLY A 94 -12.61 -9.16 -1.49
N CYS A 95 -11.81 -8.09 -1.49
CA CYS A 95 -10.49 -8.14 -2.11
C CYS A 95 -9.47 -8.82 -1.19
N THR A 96 -8.79 -9.84 -1.73
CA THR A 96 -7.73 -10.55 -1.02
C THR A 96 -6.41 -10.49 -1.79
N LEU A 97 -5.30 -10.74 -1.08
CA LEU A 97 -3.98 -10.97 -1.70
C LEU A 97 -3.80 -12.46 -1.83
N ASN A 98 -3.42 -12.90 -3.03
CA ASN A 98 -3.28 -14.34 -3.27
C ASN A 98 -1.94 -14.68 -3.91
N PHE A 99 -1.26 -15.68 -3.37
CA PHE A 99 -0.05 -16.23 -4.00
C PHE A 99 0.27 -17.67 -3.56
N PRO B 1 -0.90 -18.50 0.02
CA PRO B 1 -2.00 -18.22 0.92
C PRO B 1 -2.99 -17.25 0.29
N GLN B 2 -4.21 -17.21 0.83
CA GLN B 2 -5.15 -16.14 0.50
C GLN B 2 -5.28 -15.30 1.77
N ILE B 3 -4.93 -14.03 1.66
CA ILE B 3 -4.82 -13.10 2.78
C ILE B 3 -5.92 -12.06 2.70
N THR B 4 -6.81 -12.10 3.68
CA THR B 4 -7.86 -11.11 3.74
C THR B 4 -7.29 -9.86 4.41
N LEU B 5 -7.99 -8.74 4.26
CA LEU B 5 -7.38 -7.48 4.61
C LEU B 5 -7.99 -6.78 5.81
N TRP B 6 -8.64 -7.57 6.67
CA TRP B 6 -9.18 -7.03 7.91
C TRP B 6 -8.12 -6.51 8.86
N GLN B 7 -6.94 -7.16 8.85
CA GLN B 7 -5.76 -6.71 9.56
C GLN B 7 -4.68 -6.33 8.52
N ARG B 8 -3.61 -5.67 8.98
CA ARG B 8 -2.47 -5.35 8.11
C ARG B 8 -1.83 -6.64 7.64
N PRO B 9 -1.53 -6.74 6.31
CA PRO B 9 -0.97 -7.97 5.73
C PRO B 9 0.54 -8.06 6.00
N ILE B 10 0.87 -8.41 7.24
CA ILE B 10 2.28 -8.56 7.67
C ILE B 10 2.67 -10.03 7.52
N VAL B 11 3.80 -10.26 6.83
CA VAL B 11 4.33 -11.59 6.57
C VAL B 11 5.77 -11.72 7.09
N THR B 12 6.19 -12.96 7.29
CA THR B 12 7.57 -13.30 7.66
C THR B 12 8.42 -13.38 6.40
N ILE B 13 9.62 -12.82 6.49
CA ILE B 13 10.56 -12.87 5.38
C ILE B 13 11.90 -13.31 5.90
N LYS B 14 12.71 -13.90 5.02
CA LYS B 14 14.09 -14.15 5.36
C LYS B 14 14.98 -13.38 4.40
N ILE B 15 15.84 -12.53 4.95
CA ILE B 15 16.75 -11.74 4.13
C ILE B 15 18.10 -11.55 4.85
N GLY B 16 19.18 -11.65 4.09
CA GLY B 16 20.53 -11.48 4.64
C GLY B 16 20.81 -12.38 5.83
N GLY B 17 20.25 -13.58 5.83
CA GLY B 17 20.39 -14.51 6.95
C GLY B 17 19.59 -14.17 8.19
N GLN B 18 18.66 -13.21 8.10
CA GLN B 18 17.83 -12.82 9.25
C GLN B 18 16.36 -13.12 8.98
N LEU B 19 15.59 -13.40 10.04
CA LEU B 19 14.12 -13.42 9.95
C LEU B 19 13.61 -12.03 10.31
N LYS B 20 12.63 -11.56 9.54
CA LYS B 20 12.10 -10.22 9.76
C LYS B 20 10.62 -10.30 9.41
N GLU B 21 9.89 -9.23 9.71
CA GLU B 21 8.49 -9.15 9.32
C GLU B 21 8.33 -7.93 8.44
N ALA B 22 7.42 -8.02 7.46
CA ALA B 22 7.22 -6.91 6.57
C ALA B 22 5.78 -6.84 6.12
N LEU B 23 5.40 -5.65 5.70
CA LEU B 23 4.04 -5.36 5.23
C LEU B 23 3.95 -5.52 3.72
N LEU B 24 3.01 -6.35 3.25
CA LEU B 24 2.71 -6.49 1.80
C LEU B 24 1.95 -5.26 1.37
N ASN B 25 2.60 -4.39 0.60
CA ASN B 25 2.08 -3.04 0.34
C ASN B 25 1.94 -2.74 -1.15
N THR B 26 0.72 -2.89 -1.63
CA THR B 26 0.46 -2.72 -3.05
C THR B 26 0.52 -1.25 -3.46
N GLY B 27 0.51 -0.35 -2.47
CA GLY B 27 0.74 1.09 -2.74
C GLY B 27 2.20 1.48 -2.94
N ALA B 28 3.12 0.56 -2.65
CA ALA B 28 4.55 0.85 -2.72
C ALA B 28 5.14 0.25 -3.99
N ASP B 29 5.87 1.07 -4.76
CA ASP B 29 6.47 0.57 -5.98
C ASP B 29 7.61 -0.37 -5.63
N ASP B 30 8.34 -0.01 -4.57
CA ASP B 30 9.63 -0.63 -4.24
C ASP B 30 9.57 -1.25 -2.84
N THR B 31 10.50 -2.15 -2.57
CA THR B 31 10.63 -2.81 -1.29
C THR B 31 11.67 -2.06 -0.46
N VAL B 32 11.31 -1.70 0.77
CA VAL B 32 12.19 -0.89 1.63
C VAL B 32 12.25 -1.56 2.99
N LEU B 33 13.47 -1.93 3.40
CA LEU B 33 13.67 -2.63 4.66
C LEU B 33 14.65 -1.85 5.53
N GLU B 34 14.43 -1.92 6.84
CA GLU B 34 15.29 -1.26 7.83
C GLU B 34 16.33 -2.23 8.36
N GLU B 35 17.54 -1.73 8.58
CA GLU B 35 18.60 -2.49 9.27
C GLU B 35 18.89 -3.89 8.76
N VAL B 36 19.45 -3.96 7.56
CA VAL B 36 20.01 -5.22 7.13
C VAL B 36 21.35 -5.02 6.46
N ASN B 37 22.29 -5.85 6.87
CA ASN B 37 23.59 -5.89 6.28
C ASN B 37 23.46 -6.90 5.17
N LEU B 38 23.41 -6.38 3.95
CA LEU B 38 23.42 -7.21 2.78
C LEU B 38 24.84 -7.18 2.21
N PRO B 39 25.29 -8.32 1.65
CA PRO B 39 26.61 -8.35 1.03
C PRO B 39 26.58 -7.85 -0.41
N GLY B 40 27.73 -7.58 -1.01
CA GLY B 40 27.66 -7.20 -2.43
C GLY B 40 27.33 -5.74 -2.70
N ARG B 41 27.14 -5.42 -3.98
CA ARG B 41 27.23 -4.03 -4.41
C ARG B 41 25.92 -3.28 -4.21
N TRP B 42 26.04 -1.99 -3.95
CA TRP B 42 24.86 -1.12 -3.82
C TRP B 42 25.15 0.25 -4.42
N LYS B 43 24.09 1.02 -4.64
CA LYS B 43 24.24 2.43 -5.04
C LYS B 43 23.22 3.24 -4.27
N PRO B 44 23.53 4.51 -3.95
CA PRO B 44 22.50 5.33 -3.28
C PRO B 44 21.33 5.66 -4.20
N LYS B 45 20.14 5.75 -3.61
CA LYS B 45 18.91 6.06 -4.31
C LYS B 45 18.11 7.03 -3.46
N LEU B 46 17.59 8.08 -4.09
CA LEU B 46 16.68 9.00 -3.42
C LEU B 46 15.24 8.55 -3.61
N ILE B 47 14.52 8.37 -2.52
CA ILE B 47 13.11 7.99 -2.58
C ILE B 47 12.21 8.97 -1.84
N GLY B 48 10.90 8.71 -1.89
CA GLY B 48 9.93 9.61 -1.30
C GLY B 48 9.90 10.86 -2.16
N GLY B 49 10.00 12.01 -1.52
CA GLY B 49 9.81 13.29 -2.21
C GLY B 49 8.90 14.26 -1.49
N ILE B 50 8.21 13.79 -0.45
CA ILE B 50 7.44 14.71 0.37
C ILE B 50 8.30 15.16 1.57
N GLY B 51 8.48 16.49 1.71
CA GLY B 51 9.26 17.15 2.80
C GLY B 51 10.77 17.20 2.53
N GLY B 52 11.12 16.53 1.45
CA GLY B 52 12.49 16.30 1.07
C GLY B 52 12.51 14.91 0.48
N PHE B 53 13.71 14.37 0.31
CA PHE B 53 13.86 12.98 -0.10
C PHE B 53 14.56 12.21 1.01
N VAL B 54 14.46 10.90 0.96
CA VAL B 54 15.20 10.02 1.86
C VAL B 54 16.19 9.26 1.01
N LYS B 55 17.43 9.13 1.47
CA LYS B 55 18.45 8.37 0.75
C LYS B 55 18.52 6.97 1.32
N VAL B 56 18.47 5.99 0.42
CA VAL B 56 18.56 4.59 0.82
C VAL B 56 19.67 3.92 -0.01
N ARG B 57 20.05 2.71 0.37
CA ARG B 57 20.96 1.93 -0.45
C ARG B 57 20.20 0.95 -1.30
N GLN B 58 20.44 1.01 -2.61
CA GLN B 58 19.81 0.11 -3.57
C GLN B 58 20.69 -1.12 -3.87
N TYR B 59 20.17 -2.29 -3.51
CA TYR B 59 20.83 -3.55 -3.77
C TYR B 59 19.99 -4.26 -4.82
N ASP B 60 20.58 -4.53 -5.95
CA ASP B 60 19.87 -5.29 -6.97
C ASP B 60 20.05 -6.78 -6.81
N GLN B 61 19.06 -7.51 -7.33
CA GLN B 61 19.11 -8.96 -7.44
C GLN B 61 19.45 -9.64 -6.10
N VAL B 62 18.69 -9.31 -5.07
CA VAL B 62 18.86 -9.83 -3.73
C VAL B 62 17.98 -11.06 -3.52
N PRO B 63 18.57 -12.20 -3.11
CA PRO B 63 17.68 -13.33 -2.76
C PRO B 63 16.90 -13.04 -1.50
N ILE B 64 15.61 -13.31 -1.53
CA ILE B 64 14.80 -13.06 -0.35
C ILE B 64 13.69 -14.09 -0.34
N GLU B 65 13.31 -14.56 0.86
CA GLU B 65 12.21 -15.51 0.98
C GLU B 65 11.04 -14.79 1.61
N ILE B 66 9.88 -14.89 0.99
CA ILE B 66 8.73 -14.13 1.44
C ILE B 66 7.60 -15.11 1.63
N CYS B 67 7.20 -15.31 2.89
CA CYS B 67 6.15 -16.23 3.21
C CYS B 67 6.45 -17.56 2.50
N GLY B 68 7.70 -18.02 2.59
CA GLY B 68 8.10 -19.34 2.09
C GLY B 68 8.46 -19.42 0.61
N HIS B 69 8.28 -18.30 -0.10
CA HIS B 69 8.55 -18.23 -1.54
C HIS B 69 9.93 -17.62 -1.77
N LYS B 70 10.87 -18.40 -2.32
CA LYS B 70 12.22 -17.90 -2.53
C LYS B 70 12.26 -17.18 -3.87
N VAL B 71 12.54 -15.89 -3.82
CA VAL B 71 12.62 -15.06 -5.02
C VAL B 71 13.87 -14.16 -5.03
N ILE B 72 13.95 -13.32 -6.05
CA ILE B 72 15.07 -12.39 -6.26
C ILE B 72 14.49 -11.03 -6.65
N GLY B 73 15.02 -9.97 -6.07
CA GLY B 73 14.60 -8.64 -6.49
C GLY B 73 15.40 -7.55 -5.83
N THR B 74 15.12 -6.34 -6.27
CA THR B 74 15.78 -5.16 -5.74
C THR B 74 15.26 -4.89 -4.34
N VAL B 75 16.17 -4.60 -3.40
CA VAL B 75 15.76 -4.26 -2.04
C VAL B 75 16.44 -2.95 -1.73
N LEU B 76 15.67 -1.96 -1.25
CA LEU B 76 16.21 -0.68 -0.81
C LEU B 76 16.37 -0.79 0.71
N VAL B 77 17.52 -0.39 1.24
CA VAL B 77 17.78 -0.54 2.67
C VAL B 77 18.03 0.84 3.23
N GLY B 78 17.22 1.19 4.22
CA GLY B 78 17.42 2.43 4.93
C GLY B 78 16.28 2.66 5.89
N PRO B 79 16.15 3.91 6.35
CA PRO B 79 15.22 4.21 7.42
C PRO B 79 13.80 4.17 6.88
N THR B 80 12.99 3.33 7.51
CA THR B 80 11.59 3.23 7.15
C THR B 80 10.81 2.93 8.42
N PRO B 81 9.67 3.64 8.60
CA PRO B 81 8.79 3.38 9.73
C PRO B 81 8.48 1.89 9.86
N THR B 82 8.19 1.23 8.75
CA THR B 82 7.94 -0.22 8.78
C THR B 82 8.55 -0.87 7.55
N ASN B 83 9.03 -2.11 7.70
CA ASN B 83 9.51 -2.94 6.57
C ASN B 83 8.38 -3.16 5.59
N VAL B 84 8.65 -2.85 4.32
CA VAL B 84 7.59 -2.87 3.32
C VAL B 84 8.00 -3.74 2.13
N ILE B 85 7.15 -4.71 1.78
CA ILE B 85 7.33 -5.47 0.54
C ILE B 85 6.51 -4.73 -0.53
N GLY B 86 7.18 -4.19 -1.54
CA GLY B 86 6.48 -3.44 -2.59
C GLY B 86 6.10 -4.29 -3.80
N ARG B 87 5.47 -3.67 -4.78
CA ARG B 87 5.03 -4.42 -5.98
C ARG B 87 6.19 -5.16 -6.65
N ASN B 88 7.39 -4.60 -6.60
CA ASN B 88 8.50 -5.24 -7.31
C ASN B 88 8.73 -6.68 -6.87
N LEU B 89 8.58 -6.96 -5.58
CA LEU B 89 8.72 -8.34 -5.07
C LEU B 89 7.39 -9.10 -5.02
N MET B 90 6.26 -8.40 -4.88
CA MET B 90 4.99 -9.10 -4.98
C MET B 90 4.81 -9.73 -6.37
N THR B 91 5.29 -9.08 -7.42
CA THR B 91 5.20 -9.74 -8.75
C THR B 91 6.01 -11.03 -8.79
N GLN B 92 7.16 -11.01 -8.13
CA GLN B 92 8.06 -12.14 -8.16
C GLN B 92 7.46 -13.36 -7.50
N ILE B 93 6.75 -13.16 -6.39
CA ILE B 93 6.08 -14.27 -5.70
C ILE B 93 4.72 -14.68 -6.31
N GLY B 94 4.29 -13.93 -7.33
CA GLY B 94 3.04 -14.18 -8.04
C GLY B 94 1.82 -13.73 -7.27
N CYS B 95 2.00 -12.69 -6.46
CA CYS B 95 0.91 -12.17 -5.64
C CYS B 95 0.01 -11.26 -6.48
N THR B 96 -1.30 -11.56 -6.42
CA THR B 96 -2.33 -10.78 -7.12
C THR B 96 -3.38 -10.27 -6.14
N LEU B 97 -4.08 -9.21 -6.55
CA LEU B 97 -5.30 -8.74 -5.85
C LEU B 97 -6.49 -9.38 -6.53
N ASN B 98 -7.39 -9.97 -5.74
CA ASN B 98 -8.53 -10.71 -6.31
C ASN B 98 -9.83 -10.32 -5.64
N PHE B 99 -10.84 -10.00 -6.44
CA PHE B 99 -12.21 -9.77 -5.95
C PHE B 99 -13.30 -9.93 -7.02
C39 RSY C . -1.68 7.87 3.45
C43 RSY C . -3.49 6.72 2.46
C42 RSY C . -3.89 7.88 1.80
C37 RSY C . -0.47 7.88 4.35
C41 RSY C . -3.18 9.05 1.97
C40 RSY C . -2.07 9.05 2.80
O38 RSY C . 0.13 8.94 4.48
N44 RSY C . -2.40 6.74 3.26
N36 RSY C . -0.02 6.80 5.01
C32 RSY C . -0.61 5.47 5.00
C33 RSY C . -0.63 5.02 6.46
C34 RSY C . 0.74 4.62 7.03
C35 RSY C . -1.65 3.91 6.72
C30 RSY C . 0.12 4.51 4.09
O31 RSY C . -0.50 3.64 3.53
N29 RSY C . 1.44 4.71 3.93
C21 RSY C . 2.39 3.93 3.13
C22 RSY C . 2.64 2.63 3.89
C23 RSY C . 3.99 2.73 4.56
C28 RSY C . 5.16 2.73 3.79
C24 RSY C . 4.07 2.81 5.94
C27 RSY C . 6.40 2.83 4.42
C25 RSY C . 5.31 2.91 6.56
C26 RSY C . 6.47 2.92 5.81
C19 RSY C . 1.91 3.68 1.68
O20 RSY C . 0.88 2.69 1.60
C18 RSY C . 1.46 4.96 0.98
C16 RSY C . 2.01 4.95 -0.42
O17 RSY C . 1.55 4.18 -1.25
C10 RSY C . 5.11 6.08 -1.83
N15 RSY C . 2.98 5.82 -0.68
O11 RSY C . 5.85 5.24 -2.29
CL14 RSY C . 4.00 7.73 -4.03
C12 RSY C . 3.62 5.93 -1.98
C13 RSY C . 3.01 7.18 -2.63
N09 RSY C . 5.51 7.16 -1.15
C05 RSY C . 6.91 7.52 -0.90
C06 RSY C . 7.76 6.36 -0.43
O07 RSY C . 7.32 5.52 0.35
C04 RSY C . 6.84 8.59 0.18
C02 RSY C . 6.34 9.99 -0.25
C01 RSY C . 6.36 10.23 -1.77
C03 RSY C . 4.93 10.25 0.32
N08 RSY C . 8.99 6.30 -0.91
#